data_4Q80
#
_entry.id   4Q80
#
_cell.length_a   89.707
_cell.length_b   89.707
_cell.length_c   108.628
_cell.angle_alpha   90.00
_cell.angle_beta   90.00
_cell.angle_gamma   120.00
#
_symmetry.space_group_name_H-M   'P 65'
#
loop_
_entity.id
_entity.type
_entity.pdbx_description
1 polymer 'Serine protease 57'
2 branched 2-acetamido-2-deoxy-beta-D-glucopyranose-(1-4)-2-acetamido-2-deoxy-beta-D-glucopyranose
3 non-polymer 2-acetamido-2-deoxy-beta-D-glucopyranose
4 non-polymer D-valyl-N-[(2S,3S)-7-amino-1-chloro-2-hydroxyheptan-3-yl]-L-leucinamide
#
_entity_poly.entity_id   1
_entity_poly.type   'polypeptide(L)'
_entity_poly.pdbx_seq_one_letter_code
;IIGGHEVTPHSRPYMASVRFGGQHHCGGFLLRARWVVSAAHCFSHRDLRTGLVVLGAHVLSTAEPTQQVFGIDALTTHPD
YHPMTHANDICLLRLNGSAVLGPAVGLLRLPGRRARPPTAGTRCRVAGWGFVSDFEELPPGLMEAKVRVLDPDVCNSSWK
GHLTLTMLCTRSGDSHRRGFCSADSGGPLVCRNRAHGLVSFSGLWCGDPKTPDVYTQVSAFVAWIWDVVRRSSPQPGPLP
GTTRPPGEAA
;
_entity_poly.pdbx_strand_id   A,B
#
loop_
_chem_comp.id
_chem_comp.type
_chem_comp.name
_chem_comp.formula
2YS peptide-like D-valyl-N-[(2S,3S)-7-amino-1-chloro-2-hydroxyheptan-3-yl]-L-leucinamide 'C18 H37 Cl N4 O3'
NAG D-saccharide, beta linking 2-acetamido-2-deoxy-beta-D-glucopyranose 'C8 H15 N O6'
#
# COMPACT_ATOMS: atom_id res chain seq x y z
N ILE A 1 14.09 11.13 2.66
CA ILE A 1 14.34 12.08 1.58
C ILE A 1 15.52 11.61 0.72
N ILE A 2 15.28 11.46 -0.59
CA ILE A 2 16.29 11.10 -1.58
C ILE A 2 16.86 12.41 -2.20
N GLY A 3 18.10 12.37 -2.72
CA GLY A 3 18.76 13.51 -3.37
C GLY A 3 18.72 14.78 -2.57
N GLY A 4 18.75 14.63 -1.24
CA GLY A 4 18.73 15.74 -0.31
C GLY A 4 20.01 15.90 0.48
N HIS A 5 20.02 16.86 1.41
CA HIS A 5 21.12 17.16 2.33
C HIS A 5 20.59 17.31 3.72
N GLU A 6 21.44 17.09 4.73
CA GLU A 6 21.06 17.28 6.13
C GLU A 6 20.96 18.77 6.40
N VAL A 7 19.90 19.18 7.10
CA VAL A 7 19.67 20.61 7.41
C VAL A 7 20.53 21.07 8.60
N THR A 8 20.73 22.40 8.75
CA THR A 8 21.43 22.95 9.91
C THR A 8 20.52 22.59 11.11
N PRO A 9 21.02 21.91 12.17
CA PRO A 9 20.12 21.53 13.27
C PRO A 9 19.26 22.68 13.77
N HIS A 10 17.94 22.46 13.69
CA HIS A 10 16.87 23.40 14.08
C HIS A 10 16.63 24.58 13.10
N SER A 11 17.04 24.41 11.82
CA SER A 11 16.87 25.41 10.76
C SER A 11 15.48 25.40 10.12
N ARG A 12 14.63 24.40 10.46
CA ARG A 12 13.23 24.24 9.97
C ARG A 12 12.35 23.95 11.21
N PRO A 13 12.01 25.00 12.01
CA PRO A 13 11.35 24.78 13.32
C PRO A 13 9.93 24.25 13.36
N TYR A 14 9.21 24.37 12.22
CA TYR A 14 7.84 23.95 12.00
C TYR A 14 7.69 22.44 11.81
N MET A 15 8.80 21.73 11.55
CA MET A 15 8.78 20.29 11.29
C MET A 15 8.37 19.44 12.47
N ALA A 16 7.33 18.61 12.27
CA ALA A 16 6.80 17.69 13.27
C ALA A 16 7.17 16.27 12.90
N SER A 17 7.47 15.44 13.92
CA SER A 17 7.77 14.01 13.72
C SER A 17 6.67 13.25 14.41
N VAL A 18 5.84 12.58 13.65
CA VAL A 18 4.73 11.79 14.17
C VAL A 18 5.31 10.41 14.45
N ARG A 19 5.26 9.98 15.70
CA ARG A 19 5.82 8.68 16.00
C ARG A 19 4.88 7.68 16.60
N PHE A 20 4.91 6.46 16.09
CA PHE A 20 4.09 5.40 16.60
C PHE A 20 4.98 4.27 17.09
N GLY A 21 4.74 3.82 18.32
CA GLY A 21 5.50 2.76 18.96
C GLY A 21 7.01 2.98 19.06
N GLY A 22 7.40 4.19 19.46
CA GLY A 22 8.79 4.60 19.58
C GLY A 22 9.43 5.05 18.28
N GLN A 23 9.08 4.36 17.18
CA GLN A 23 9.54 4.60 15.82
C GLN A 23 8.84 5.80 15.16
N HIS A 24 9.60 6.62 14.39
CA HIS A 24 9.08 7.78 13.63
C HIS A 24 8.33 7.22 12.44
N HIS A 25 7.09 7.64 12.29
CA HIS A 25 6.21 7.15 11.24
C HIS A 25 6.01 8.13 10.07
N CYS A 26 5.69 9.39 10.37
CA CYS A 26 5.34 10.43 9.38
C CYS A 26 5.89 11.77 9.79
N GLY A 27 5.81 12.71 8.85
CA GLY A 27 6.15 14.12 9.01
C GLY A 27 4.88 14.93 9.11
N GLY A 28 5.06 16.20 9.45
CA GLY A 28 3.97 17.14 9.57
C GLY A 28 4.51 18.52 9.80
N PHE A 29 3.63 19.48 9.99
CA PHE A 29 4.11 20.85 10.28
C PHE A 29 3.30 21.57 11.33
N LEU A 30 3.97 22.41 12.12
CA LEU A 30 3.32 23.19 13.16
C LEU A 30 2.60 24.40 12.53
N LEU A 31 1.26 24.36 12.52
CA LEU A 31 0.41 25.42 11.98
C LEU A 31 0.23 26.54 13.02
N ARG A 32 -0.21 26.16 14.24
CA ARG A 32 -0.41 27.01 15.42
C ARG A 32 0.16 26.22 16.62
N ALA A 33 0.35 26.85 17.80
CA ALA A 33 0.89 26.21 19.00
C ALA A 33 0.20 24.89 19.39
N ARG A 34 -1.10 24.78 19.08
CA ARG A 34 -1.90 23.60 19.38
C ARG A 34 -2.11 22.71 18.16
N TRP A 35 -1.86 23.24 16.95
CA TRP A 35 -2.13 22.54 15.69
C TRP A 35 -0.99 22.09 14.80
N VAL A 36 -1.10 20.85 14.32
CA VAL A 36 -0.17 20.20 13.39
C VAL A 36 -0.94 19.64 12.16
N VAL A 37 -0.46 19.94 10.95
CA VAL A 37 -1.02 19.48 9.67
C VAL A 37 -0.19 18.26 9.22
N SER A 38 -0.86 17.21 8.69
CA SER A 38 -0.24 15.95 8.22
C SER A 38 -1.07 15.26 7.15
N ALA A 39 -0.61 14.08 6.70
CA ALA A 39 -1.28 13.24 5.70
C ALA A 39 -2.25 12.33 6.46
N ALA A 40 -3.49 12.29 5.99
CA ALA A 40 -4.57 11.49 6.53
C ALA A 40 -4.21 10.02 6.59
N HIS A 41 -3.42 9.49 5.60
CA HIS A 41 -3.01 8.08 5.54
C HIS A 41 -2.09 7.59 6.64
N CYS A 42 -1.41 8.50 7.34
CA CYS A 42 -0.48 8.18 8.43
C CYS A 42 -1.16 7.57 9.63
N PHE A 43 -2.41 7.94 9.83
CA PHE A 43 -3.22 7.57 10.98
C PHE A 43 -4.09 6.38 10.70
N SER A 44 -4.08 5.90 9.43
CA SER A 44 -4.84 4.73 9.02
C SER A 44 -4.41 3.53 9.83
N HIS A 45 -5.37 2.82 10.47
CA HIS A 45 -5.12 1.61 11.29
C HIS A 45 -4.13 1.79 12.44
N ARG A 46 -4.20 2.93 13.10
CA ARG A 46 -3.35 3.26 14.24
C ARG A 46 -4.23 3.68 15.41
N ASP A 47 -3.81 3.38 16.64
CA ASP A 47 -4.55 3.87 17.79
C ASP A 47 -3.75 5.08 18.28
N LEU A 48 -4.35 6.27 18.10
CA LEU A 48 -3.81 7.60 18.43
C LEU A 48 -3.01 7.69 19.71
N ARG A 49 -3.48 7.01 20.79
CA ARG A 49 -2.85 7.00 22.12
C ARG A 49 -1.47 6.29 22.11
N THR A 50 -1.09 5.66 20.98
CA THR A 50 0.20 4.98 20.72
C THR A 50 1.15 5.96 20.02
N GLY A 51 0.61 7.15 19.71
CA GLY A 51 1.28 8.24 18.99
C GLY A 51 1.57 9.53 19.73
N LEU A 52 2.72 10.11 19.39
CA LEU A 52 3.24 11.38 19.91
C LEU A 52 3.73 12.26 18.77
N VAL A 53 3.50 13.59 18.88
CA VAL A 53 4.01 14.56 17.91
C VAL A 53 5.26 15.16 18.57
N VAL A 54 6.41 15.03 17.90
CA VAL A 54 7.69 15.52 18.42
C VAL A 54 8.13 16.77 17.66
N LEU A 55 8.29 17.88 18.39
CA LEU A 55 8.71 19.16 17.83
C LEU A 55 10.08 19.54 18.41
N GLY A 56 10.77 20.47 17.76
CA GLY A 56 12.08 20.97 18.15
C GLY A 56 13.22 19.97 18.01
N ALA A 57 13.03 18.93 17.20
CA ALA A 57 14.02 17.88 17.01
C ALA A 57 14.89 18.01 15.74
N HIS A 58 16.06 17.34 15.74
CA HIS A 58 16.95 17.19 14.60
C HIS A 58 17.34 15.70 14.55
N VAL A 59 17.98 15.17 15.63
CA VAL A 59 18.33 13.75 15.78
C VAL A 59 17.24 13.14 16.66
N LEU A 60 16.25 12.61 16.00
CA LEU A 60 15.07 12.02 16.60
C LEU A 60 15.34 11.01 17.71
N SER A 61 16.39 10.16 17.52
CA SER A 61 16.86 9.08 18.40
C SER A 61 17.38 9.64 19.74
N THR A 62 18.11 10.79 19.71
CA THR A 62 18.66 11.56 20.84
C THR A 62 17.53 12.34 21.51
N ALA A 63 17.51 12.40 22.84
CA ALA A 63 16.53 13.22 23.55
C ALA A 63 17.18 14.59 23.76
N GLU A 64 16.92 15.52 22.82
CA GLU A 64 17.48 16.87 22.85
C GLU A 64 16.72 17.78 23.83
N PRO A 65 17.36 18.84 24.38
CA PRO A 65 16.60 19.78 25.25
C PRO A 65 15.60 20.61 24.44
N THR A 66 15.92 20.89 23.15
CA THR A 66 15.10 21.62 22.18
C THR A 66 13.77 20.91 21.91
N GLN A 67 13.76 19.56 22.02
CA GLN A 67 12.58 18.72 21.82
C GLN A 67 11.42 19.04 22.78
N GLN A 68 10.19 18.88 22.27
CA GLN A 68 8.88 19.07 22.90
C GLN A 68 8.01 17.97 22.32
N VAL A 69 7.51 17.11 23.18
CA VAL A 69 6.68 15.96 22.78
C VAL A 69 5.26 16.18 23.28
N PHE A 70 4.27 15.99 22.41
CA PHE A 70 2.85 16.16 22.76
C PHE A 70 2.04 14.96 22.33
N GLY A 71 0.86 14.83 22.89
CA GLY A 71 -0.06 13.76 22.50
C GLY A 71 -1.11 14.33 21.56
N ILE A 72 -1.86 13.44 20.90
CA ILE A 72 -2.92 13.90 20.00
C ILE A 72 -4.21 13.89 20.80
N ASP A 73 -4.73 15.08 21.11
CA ASP A 73 -5.99 15.24 21.87
C ASP A 73 -7.13 14.82 20.93
N ALA A 74 -7.05 15.27 19.66
CA ALA A 74 -8.04 15.01 18.62
C ALA A 74 -7.42 15.06 17.22
N LEU A 75 -7.81 14.11 16.37
CA LEU A 75 -7.36 14.03 15.00
C LEU A 75 -8.56 14.23 14.08
N THR A 76 -8.47 15.24 13.20
CA THR A 76 -9.52 15.53 12.24
C THR A 76 -8.97 15.20 10.90
N THR A 77 -9.40 14.08 10.34
CA THR A 77 -9.01 13.68 9.00
C THR A 77 -9.96 14.36 8.03
N HIS A 78 -9.51 14.65 6.79
CA HIS A 78 -10.38 15.25 5.79
C HIS A 78 -11.53 14.29 5.59
N PRO A 79 -12.79 14.78 5.71
CA PRO A 79 -13.96 13.90 5.55
C PRO A 79 -13.91 13.08 4.27
N ASP A 80 -13.45 13.69 3.16
CA ASP A 80 -13.37 13.11 1.82
C ASP A 80 -12.05 12.39 1.45
N TYR A 81 -11.23 12.00 2.46
CA TYR A 81 -10.02 11.22 2.19
C TYR A 81 -10.44 9.83 1.75
N HIS A 82 -9.98 9.43 0.56
CA HIS A 82 -10.34 8.15 -0.07
C HIS A 82 -9.15 7.24 -0.23
N PRO A 83 -9.10 6.07 0.45
CA PRO A 83 -8.04 5.10 0.12
C PRO A 83 -8.36 4.54 -1.29
N MET A 84 -7.37 4.06 -2.07
CA MET A 84 -7.56 3.58 -3.47
C MET A 84 -7.30 4.73 -4.45
N THR A 85 -7.85 5.91 -4.15
CA THR A 85 -7.75 7.11 -4.98
C THR A 85 -6.68 8.07 -4.45
N HIS A 86 -6.45 8.02 -3.12
CA HIS A 86 -5.52 8.83 -2.30
C HIS A 86 -5.86 10.33 -2.22
N ALA A 87 -7.05 10.75 -2.66
CA ALA A 87 -7.43 12.17 -2.69
C ALA A 87 -7.77 12.73 -1.32
N ASN A 88 -7.56 14.04 -1.09
CA ASN A 88 -7.81 14.71 0.19
C ASN A 88 -7.03 14.07 1.31
N ASP A 89 -5.78 13.67 1.01
CA ASP A 89 -4.84 13.05 1.95
C ASP A 89 -4.28 14.14 2.88
N ILE A 90 -5.15 14.72 3.75
CA ILE A 90 -4.85 15.78 4.71
C ILE A 90 -5.62 15.57 5.99
N CYS A 91 -5.00 15.92 7.09
CA CYS A 91 -5.62 15.83 8.39
C CYS A 91 -5.01 16.87 9.32
N LEU A 92 -5.76 17.21 10.37
CA LEU A 92 -5.32 18.12 11.41
C LEU A 92 -5.20 17.40 12.72
N LEU A 93 -4.19 17.79 13.51
CA LEU A 93 -3.92 17.19 14.81
C LEU A 93 -3.93 18.27 15.87
N ARG A 94 -4.86 18.19 16.86
CA ARG A 94 -4.93 19.10 18.01
C ARG A 94 -4.11 18.43 19.10
N LEU A 95 -3.00 19.07 19.53
CA LEU A 95 -2.10 18.51 20.55
C LEU A 95 -2.71 18.62 21.96
N ASN A 96 -2.22 17.82 22.96
CA ASN A 96 -2.78 17.93 24.31
C ASN A 96 -2.41 19.20 25.05
N GLY A 97 -1.54 20.01 24.45
CA GLY A 97 -1.12 21.29 24.99
C GLY A 97 -0.56 22.18 23.90
N SER A 98 -0.33 23.46 24.21
CA SER A 98 0.23 24.40 23.24
C SER A 98 1.74 24.25 23.27
N ALA A 99 2.39 24.37 22.10
CA ALA A 99 3.85 24.30 21.99
C ALA A 99 4.46 25.65 22.38
N VAL A 100 5.58 25.62 23.11
CA VAL A 100 6.27 26.86 23.50
C VAL A 100 7.09 27.29 22.29
N LEU A 101 6.80 28.48 21.75
CA LEU A 101 7.58 28.93 20.59
C LEU A 101 8.97 29.27 21.10
N GLY A 102 9.95 28.81 20.37
CA GLY A 102 11.37 29.03 20.59
C GLY A 102 12.12 28.96 19.27
N PRO A 103 13.46 29.17 19.25
CA PRO A 103 14.20 29.12 17.97
C PRO A 103 14.27 27.76 17.25
N ALA A 104 13.74 26.69 17.89
CA ALA A 104 13.69 25.31 17.39
C ALA A 104 12.25 24.78 17.18
N VAL A 105 11.24 25.42 17.82
CA VAL A 105 9.83 25.07 17.68
C VAL A 105 9.12 26.31 17.12
N GLY A 106 8.71 26.24 15.85
CA GLY A 106 8.10 27.39 15.18
C GLY A 106 6.97 27.08 14.23
N LEU A 107 6.32 28.12 13.68
CA LEU A 107 5.18 27.99 12.76
C LEU A 107 5.55 28.09 11.28
N LEU A 108 4.75 27.43 10.45
CA LEU A 108 4.81 27.49 9.00
C LEU A 108 3.45 28.04 8.53
N ARG A 109 3.50 28.97 7.56
CA ARG A 109 2.31 29.63 7.01
C ARG A 109 1.72 28.93 5.83
N LEU A 110 0.39 28.89 5.78
CA LEU A 110 -0.35 28.34 4.64
C LEU A 110 -0.42 29.44 3.58
N PRO A 111 -0.69 29.10 2.28
CA PRO A 111 -0.92 30.15 1.29
C PRO A 111 -2.26 30.81 1.62
N GLY A 112 -2.49 32.00 1.09
CA GLY A 112 -3.75 32.69 1.34
C GLY A 112 -4.93 31.93 0.75
N ARG A 113 -6.13 32.44 0.95
CA ARG A 113 -7.32 31.81 0.37
C ARG A 113 -7.36 32.17 -1.13
N ARG A 114 -6.81 33.37 -1.47
CA ARG A 114 -6.64 33.94 -2.82
C ARG A 114 -5.43 33.28 -3.59
N ALA A 115 -5.17 31.96 -3.39
CA ALA A 115 -4.00 31.26 -3.94
C ALA A 115 -4.14 30.10 -4.93
N ARG A 116 -3.53 30.26 -6.11
CA ARG A 116 -3.45 29.21 -7.13
C ARG A 116 -2.15 28.41 -6.86
N PRO A 117 -2.06 27.13 -7.26
CA PRO A 117 -0.84 26.35 -6.98
C PRO A 117 0.40 26.89 -7.70
N PRO A 118 1.61 26.68 -7.15
CA PRO A 118 2.82 27.19 -7.83
C PRO A 118 2.98 26.70 -9.25
N THR A 119 3.53 27.55 -10.10
CA THR A 119 3.73 27.25 -11.52
C THR A 119 4.80 26.19 -11.74
N ALA A 120 4.69 25.43 -12.84
CA ALA A 120 5.68 24.41 -13.21
C ALA A 120 7.04 25.11 -13.37
N GLY A 121 8.01 24.67 -12.58
CA GLY A 121 9.35 25.25 -12.58
C GLY A 121 9.81 25.80 -11.24
N THR A 122 8.86 26.26 -10.40
CA THR A 122 9.07 26.85 -9.08
C THR A 122 9.99 26.00 -8.18
N ARG A 123 11.06 26.64 -7.65
CA ARG A 123 11.99 26.01 -6.71
C ARG A 123 11.23 25.89 -5.40
N CYS A 124 11.17 24.64 -4.86
CA CYS A 124 10.50 24.28 -3.61
C CYS A 124 11.41 23.38 -2.78
N ARG A 125 11.11 23.21 -1.49
CA ARG A 125 11.90 22.36 -0.63
C ARG A 125 11.08 21.39 0.22
N VAL A 126 11.51 20.11 0.26
CA VAL A 126 10.86 19.05 1.04
C VAL A 126 11.78 18.43 2.12
N ALA A 127 11.39 18.56 3.41
CA ALA A 127 12.14 18.05 4.56
C ALA A 127 11.54 16.77 5.16
N GLY A 128 12.32 16.05 5.95
CA GLY A 128 11.83 14.84 6.58
C GLY A 128 12.89 13.95 7.18
N TRP A 129 12.46 13.02 8.05
CA TRP A 129 13.26 12.02 8.75
C TRP A 129 13.09 10.60 8.18
N GLY A 130 12.44 10.50 7.00
CA GLY A 130 12.20 9.23 6.33
C GLY A 130 13.45 8.67 5.68
N PHE A 131 13.34 7.54 4.99
CA PHE A 131 14.50 6.93 4.32
C PHE A 131 15.23 7.79 3.29
N VAL A 132 16.51 7.52 3.14
CA VAL A 132 17.40 8.26 2.24
C VAL A 132 17.72 7.50 0.94
N SER A 133 17.19 6.28 0.79
CA SER A 133 17.37 5.40 -0.36
C SER A 133 16.32 4.29 -0.38
N ASP A 134 16.34 3.46 -1.46
CA ASP A 134 15.44 2.30 -1.59
C ASP A 134 15.95 1.05 -0.81
N PHE A 135 16.90 1.27 0.11
CA PHE A 135 17.51 0.21 0.89
C PHE A 135 17.31 0.34 2.38
N GLU A 136 16.20 1.00 2.77
CA GLU A 136 15.76 1.21 4.16
C GLU A 136 16.80 1.97 5.00
N GLU A 137 17.65 2.76 4.33
CA GLU A 137 18.69 3.53 5.01
C GLU A 137 18.14 4.79 5.69
N LEU A 138 18.49 4.95 6.98
CA LEU A 138 18.05 6.05 7.84
C LEU A 138 18.88 7.31 7.69
N PRO A 139 18.26 8.51 7.84
CA PRO A 139 19.04 9.74 7.74
C PRO A 139 19.78 10.06 9.04
N PRO A 140 20.85 10.89 9.03
CA PRO A 140 21.54 11.20 10.31
C PRO A 140 20.80 12.25 11.16
N GLY A 141 19.74 12.81 10.57
CA GLY A 141 18.86 13.83 11.15
C GLY A 141 17.91 14.39 10.11
N LEU A 142 17.21 15.50 10.41
CA LEU A 142 16.31 16.13 9.45
C LEU A 142 17.04 16.45 8.15
N MET A 143 16.51 15.93 7.05
CA MET A 143 17.07 16.13 5.71
C MET A 143 16.11 16.94 4.89
N GLU A 144 16.65 17.64 3.86
CA GLU A 144 15.84 18.42 2.94
C GLU A 144 16.37 18.24 1.55
N ALA A 145 15.47 18.30 0.54
CA ALA A 145 15.81 18.21 -0.88
C ALA A 145 15.22 19.42 -1.58
N LYS A 146 15.96 19.96 -2.57
CA LYS A 146 15.53 21.08 -3.41
C LYS A 146 14.88 20.46 -4.66
N VAL A 147 13.56 20.70 -4.82
CA VAL A 147 12.76 20.19 -5.94
C VAL A 147 12.17 21.35 -6.80
N ARG A 148 11.55 21.03 -7.97
CA ARG A 148 10.93 22.02 -8.86
C ARG A 148 9.58 21.50 -9.32
N VAL A 149 8.53 22.33 -9.15
CA VAL A 149 7.16 21.95 -9.51
C VAL A 149 7.11 21.46 -10.98
N LEU A 150 6.47 20.28 -11.19
CA LEU A 150 6.31 19.62 -12.49
C LEU A 150 4.90 19.84 -13.06
N ASP A 151 4.81 20.14 -14.40
CA ASP A 151 3.55 20.35 -15.12
C ASP A 151 2.53 19.23 -14.78
N PRO A 152 1.30 19.60 -14.33
CA PRO A 152 0.33 18.55 -13.94
C PRO A 152 -0.11 17.64 -15.08
N ASP A 153 -0.25 18.19 -16.31
CA ASP A 153 -0.64 17.41 -17.48
C ASP A 153 0.42 16.32 -17.74
N VAL A 154 1.72 16.67 -17.52
CA VAL A 154 2.88 15.80 -17.67
C VAL A 154 2.80 14.74 -16.56
N CYS A 155 2.60 15.20 -15.30
CA CYS A 155 2.51 14.35 -14.12
C CYS A 155 1.35 13.36 -14.20
N ASN A 156 0.19 13.81 -14.77
CA ASN A 156 -1.01 13.04 -14.93
C ASN A 156 -0.81 11.92 -15.93
N SER A 157 -0.01 12.16 -16.99
CA SER A 157 0.28 11.12 -17.99
C SER A 157 1.08 9.99 -17.36
N SER A 158 2.19 10.36 -16.65
CA SER A 158 3.10 9.45 -15.91
C SER A 158 2.28 8.59 -14.95
N TRP A 159 1.26 9.21 -14.34
CA TRP A 159 0.37 8.58 -13.39
C TRP A 159 -0.90 8.00 -14.00
N LYS A 160 -0.91 7.77 -15.33
CA LYS A 160 -2.04 7.17 -16.05
C LYS A 160 -3.45 7.77 -15.72
N GLY A 161 -3.47 9.09 -15.53
CA GLY A 161 -4.66 9.87 -15.25
C GLY A 161 -5.27 9.66 -13.89
N HIS A 162 -4.46 9.27 -12.89
CA HIS A 162 -4.96 9.01 -11.54
C HIS A 162 -4.87 10.22 -10.63
N LEU A 163 -4.38 11.33 -11.18
CA LEU A 163 -4.22 12.56 -10.44
C LEU A 163 -5.48 13.40 -10.46
N THR A 164 -5.84 13.96 -9.31
CA THR A 164 -7.03 14.80 -9.18
C THR A 164 -6.56 16.25 -9.18
N LEU A 165 -7.50 17.18 -9.39
CA LEU A 165 -7.19 18.62 -9.40
C LEU A 165 -6.53 19.14 -8.09
N THR A 166 -6.69 18.39 -6.97
CA THR A 166 -6.17 18.77 -5.66
C THR A 166 -4.79 18.22 -5.32
N MET A 167 -4.07 17.74 -6.34
CA MET A 167 -2.73 17.17 -6.19
C MET A 167 -1.76 18.02 -6.99
N LEU A 168 -0.47 17.97 -6.63
CA LEU A 168 0.59 18.71 -7.33
C LEU A 168 1.92 17.93 -7.27
N CYS A 169 2.73 18.05 -8.34
CA CYS A 169 3.95 17.27 -8.45
C CYS A 169 5.21 18.02 -8.50
N THR A 170 6.30 17.30 -8.19
CA THR A 170 7.65 17.83 -8.26
C THR A 170 8.50 16.92 -9.15
N ARG A 171 9.68 17.41 -9.49
CA ARG A 171 10.72 16.70 -10.25
C ARG A 171 12.02 17.31 -9.80
N SER A 172 13.12 16.59 -9.95
CA SER A 172 14.41 17.11 -9.57
C SER A 172 14.78 18.23 -10.54
N GLY A 173 15.53 19.22 -10.07
CA GLY A 173 15.99 20.32 -10.92
C GLY A 173 17.03 19.89 -11.95
N ASP A 174 17.56 18.64 -11.79
CA ASP A 174 18.57 17.99 -12.63
C ASP A 174 18.31 16.46 -12.82
N SER A 175 19.30 15.76 -13.40
CA SER A 175 19.36 14.31 -13.72
C SER A 175 19.30 13.35 -12.52
N HIS A 176 19.60 13.83 -11.29
CA HIS A 176 19.61 12.98 -10.10
C HIS A 176 18.24 12.76 -9.48
N ARG A 177 18.06 11.67 -8.70
CA ARG A 177 16.78 11.40 -8.06
C ARG A 177 16.67 12.24 -6.79
N ARG A 178 15.78 13.22 -6.79
CA ARG A 178 15.58 14.08 -5.63
C ARG A 178 14.06 14.15 -5.31
N GLY A 179 13.73 14.06 -4.02
CA GLY A 179 12.35 14.06 -3.57
C GLY A 179 12.16 13.37 -2.25
N PHE A 180 10.93 12.89 -1.99
CA PHE A 180 10.59 12.22 -0.75
C PHE A 180 10.60 10.69 -0.86
N CYS A 181 10.68 10.06 0.29
CA CYS A 181 10.73 8.63 0.50
C CYS A 181 9.76 8.20 1.62
N SER A 182 9.76 6.89 1.97
CA SER A 182 8.93 6.30 3.05
C SER A 182 9.17 7.08 4.33
N ALA A 183 8.09 7.31 5.12
CA ALA A 183 8.05 8.05 6.38
C ALA A 183 8.21 9.57 6.22
N ASP A 184 8.06 10.08 4.99
CA ASP A 184 8.13 11.53 4.73
C ASP A 184 6.74 12.13 4.57
N SER A 185 5.70 11.29 4.54
CA SER A 185 4.30 11.71 4.37
C SER A 185 3.88 12.71 5.41
N GLY A 186 2.99 13.62 5.01
CA GLY A 186 2.51 14.68 5.90
C GLY A 186 3.39 15.91 5.97
N GLY A 187 4.69 15.74 5.74
CA GLY A 187 5.67 16.82 5.75
C GLY A 187 5.34 17.81 4.65
N PRO A 188 5.66 19.10 4.84
CA PRO A 188 5.27 20.11 3.82
C PRO A 188 6.23 20.37 2.67
N LEU A 189 5.64 20.73 1.50
CA LEU A 189 6.40 21.17 0.35
C LEU A 189 6.38 22.69 0.39
N VAL A 190 7.48 23.27 0.93
CA VAL A 190 7.61 24.73 1.04
C VAL A 190 7.99 25.38 -0.29
N CYS A 191 7.13 26.26 -0.81
CA CYS A 191 7.30 27.06 -2.03
C CYS A 191 7.03 28.49 -1.62
N ARG A 192 7.97 29.39 -1.92
CA ARG A 192 7.91 30.83 -1.61
C ARG A 192 7.51 31.10 -0.14
N ASN A 193 8.16 30.37 0.80
CA ASN A 193 8.00 30.45 2.26
C ASN A 193 6.58 30.13 2.79
N ARG A 194 5.83 29.32 2.02
CA ARG A 194 4.48 28.89 2.34
C ARG A 194 4.34 27.40 2.09
N ALA A 195 3.53 26.70 2.91
CA ALA A 195 3.22 25.28 2.73
C ALA A 195 2.31 25.15 1.49
N HIS A 196 2.90 24.88 0.32
CA HIS A 196 2.11 24.72 -0.90
C HIS A 196 1.60 23.30 -1.16
N GLY A 197 2.33 22.32 -0.66
CA GLY A 197 1.99 20.91 -0.78
C GLY A 197 2.25 20.16 0.51
N LEU A 198 1.82 18.90 0.51
CA LEU A 198 1.97 18.00 1.64
C LEU A 198 2.23 16.61 1.06
N VAL A 199 3.41 16.02 1.37
CA VAL A 199 3.85 14.70 0.94
C VAL A 199 2.75 13.63 1.06
N SER A 200 2.18 13.16 -0.09
CA SER A 200 1.12 12.16 -0.12
C SER A 200 1.59 10.79 -0.57
N PHE A 201 1.87 10.62 -1.89
CA PHE A 201 2.30 9.35 -2.46
C PHE A 201 3.30 9.63 -3.56
N SER A 202 3.99 8.56 -3.98
CA SER A 202 5.02 8.48 -5.00
C SER A 202 4.94 7.03 -5.57
N GLY A 203 5.80 6.69 -6.52
CA GLY A 203 5.82 5.33 -7.06
C GLY A 203 6.46 4.33 -6.15
N LEU A 204 7.01 3.24 -6.69
CA LEU A 204 7.60 2.21 -5.83
C LEU A 204 8.93 2.65 -5.24
N TRP A 205 9.90 2.95 -6.11
CA TRP A 205 11.24 3.43 -5.78
C TRP A 205 11.21 4.94 -5.63
N CYS A 206 11.95 5.45 -4.64
CA CYS A 206 12.03 6.87 -4.28
C CYS A 206 12.71 7.78 -5.31
N GLY A 207 12.02 8.89 -5.62
CA GLY A 207 12.48 9.90 -6.57
C GLY A 207 12.53 9.45 -8.02
N ASP A 208 11.93 8.30 -8.32
CA ASP A 208 11.95 7.71 -9.65
C ASP A 208 11.17 8.57 -10.66
N PRO A 209 11.88 9.20 -11.63
CA PRO A 209 11.20 10.09 -12.60
C PRO A 209 9.94 9.56 -13.29
N LYS A 210 9.88 8.23 -13.52
CA LYS A 210 8.74 7.55 -14.15
C LYS A 210 7.48 7.64 -13.28
N THR A 211 7.66 7.85 -11.97
CA THR A 211 6.56 8.01 -11.01
C THR A 211 6.83 9.28 -10.16
N PRO A 212 6.57 10.48 -10.73
CA PRO A 212 6.85 11.73 -9.99
C PRO A 212 6.09 11.88 -8.69
N ASP A 213 6.76 12.51 -7.70
CA ASP A 213 6.28 12.79 -6.34
C ASP A 213 5.03 13.59 -6.39
N VAL A 214 3.95 13.03 -5.77
CA VAL A 214 2.63 13.63 -5.65
C VAL A 214 2.43 14.16 -4.22
N TYR A 215 1.88 15.40 -4.15
CA TYR A 215 1.59 16.14 -2.92
C TYR A 215 0.14 16.60 -2.91
N THR A 216 -0.39 16.89 -1.74
CA THR A 216 -1.71 17.47 -1.60
C THR A 216 -1.56 18.98 -1.88
N GLN A 217 -2.37 19.55 -2.79
CA GLN A 217 -2.33 20.99 -3.08
C GLN A 217 -2.98 21.70 -1.90
N VAL A 218 -2.15 22.15 -0.96
CA VAL A 218 -2.57 22.79 0.28
C VAL A 218 -3.59 23.91 0.06
N SER A 219 -3.31 24.88 -0.86
CA SER A 219 -4.20 26.02 -1.17
C SER A 219 -5.69 25.66 -1.29
N ALA A 220 -5.98 24.50 -1.94
CA ALA A 220 -7.31 23.93 -2.14
C ALA A 220 -8.00 23.52 -0.81
N PHE A 221 -7.25 23.45 0.29
CA PHE A 221 -7.71 23.04 1.62
C PHE A 221 -7.66 24.13 2.71
N VAL A 222 -7.00 25.27 2.46
CA VAL A 222 -6.87 26.40 3.39
C VAL A 222 -8.19 26.71 4.13
N ALA A 223 -9.30 26.92 3.37
CA ALA A 223 -10.63 27.17 3.91
C ALA A 223 -11.04 26.09 4.95
N TRP A 224 -10.91 24.79 4.58
CA TRP A 224 -11.24 23.66 5.44
C TRP A 224 -10.42 23.70 6.72
N ILE A 225 -9.08 23.88 6.59
CA ILE A 225 -8.13 23.91 7.70
C ILE A 225 -8.58 24.88 8.77
N TRP A 226 -8.80 26.13 8.37
CA TRP A 226 -9.26 27.18 9.28
C TRP A 226 -10.59 26.91 9.94
N ASP A 227 -11.51 26.34 9.18
CA ASP A 227 -12.84 25.95 9.61
C ASP A 227 -12.71 25.07 10.86
N VAL A 228 -11.92 24.01 10.74
CA VAL A 228 -11.60 23.01 11.76
C VAL A 228 -10.92 23.67 12.98
N VAL A 229 -9.95 24.56 12.71
CA VAL A 229 -9.17 25.28 13.73
C VAL A 229 -10.08 26.20 14.58
N ARG A 230 -10.93 27.03 13.93
CA ARG A 230 -11.89 27.92 14.62
C ARG A 230 -13.02 27.12 15.32
N ARG A 231 -13.29 25.87 14.85
CA ARG A 231 -14.28 24.90 15.37
C ARG A 231 -13.95 24.46 16.81
N SER A 232 -12.64 24.28 17.06
CA SER A 232 -12.03 23.80 18.29
C SER A 232 -11.22 24.90 19.04
N SER A 233 -11.75 26.15 19.06
CA SER A 233 -11.20 27.37 19.69
C SER A 233 -9.69 27.59 19.48
N ILE B 1 -7.20 -9.41 -12.95
CA ILE B 1 -6.24 -10.06 -13.83
C ILE B 1 -6.05 -9.23 -15.13
N ILE B 2 -4.82 -8.74 -15.40
CA ILE B 2 -4.45 -8.05 -16.66
C ILE B 2 -3.91 -9.13 -17.64
N GLY B 3 -4.03 -8.87 -18.95
CA GLY B 3 -3.60 -9.76 -20.02
C GLY B 3 -4.18 -11.16 -19.95
N GLY B 4 -5.39 -11.24 -19.44
CA GLY B 4 -6.11 -12.49 -19.29
C GLY B 4 -7.37 -12.54 -20.12
N HIS B 5 -8.11 -13.65 -19.99
CA HIS B 5 -9.38 -13.90 -20.69
C HIS B 5 -10.38 -14.41 -19.68
N GLU B 6 -11.68 -14.27 -19.99
CA GLU B 6 -12.75 -14.78 -19.14
C GLU B 6 -12.79 -16.29 -19.31
N VAL B 7 -12.90 -17.02 -18.19
CA VAL B 7 -12.92 -18.48 -18.21
C VAL B 7 -14.28 -19.01 -18.59
N THR B 8 -14.35 -20.29 -19.03
CA THR B 8 -15.62 -20.95 -19.33
C THR B 8 -16.35 -21.01 -17.97
N PRO B 9 -17.59 -20.47 -17.84
CA PRO B 9 -18.24 -20.47 -16.51
C PRO B 9 -18.17 -21.84 -15.81
N HIS B 10 -17.54 -21.83 -14.62
CA HIS B 10 -17.34 -23.00 -13.75
C HIS B 10 -16.25 -24.00 -14.20
N SER B 11 -15.31 -23.54 -15.06
CA SER B 11 -14.20 -24.40 -15.47
C SER B 11 -13.06 -24.49 -14.45
N ARG B 12 -13.08 -23.64 -13.38
CA ARG B 12 -12.05 -23.62 -12.31
C ARG B 12 -12.82 -23.70 -10.98
N PRO B 13 -13.27 -24.92 -10.60
CA PRO B 13 -14.16 -25.07 -9.42
C PRO B 13 -13.63 -24.79 -8.02
N TYR B 14 -12.30 -24.81 -7.85
CA TYR B 14 -11.56 -24.57 -6.61
C TYR B 14 -11.48 -23.09 -6.22
N MET B 15 -11.80 -22.18 -7.16
CA MET B 15 -11.70 -20.75 -6.92
C MET B 15 -12.68 -20.20 -5.90
N ALA B 16 -12.16 -19.52 -4.88
CA ALA B 16 -12.92 -18.90 -3.79
C ALA B 16 -12.89 -17.40 -3.96
N SER B 17 -14.02 -16.75 -3.63
CA SER B 17 -14.12 -15.29 -3.65
C SER B 17 -14.36 -14.86 -2.24
N VAL B 18 -13.39 -14.20 -1.63
CA VAL B 18 -13.47 -13.72 -0.26
C VAL B 18 -14.12 -12.33 -0.37
N ARG B 19 -15.27 -12.16 0.27
CA ARG B 19 -15.92 -10.87 0.17
C ARG B 19 -16.18 -10.18 1.47
N PHE B 20 -15.89 -8.91 1.53
CA PHE B 20 -16.13 -8.11 2.71
C PHE B 20 -17.09 -6.99 2.36
N GLY B 21 -18.15 -6.87 3.15
CA GLY B 21 -19.20 -5.87 2.98
C GLY B 21 -19.86 -5.84 1.62
N GLY B 22 -20.25 -7.02 1.13
CA GLY B 22 -20.90 -7.19 -0.16
C GLY B 22 -19.94 -7.25 -1.33
N GLN B 23 -18.88 -6.42 -1.28
CA GLN B 23 -17.81 -6.31 -2.27
C GLN B 23 -16.80 -7.46 -2.19
N HIS B 24 -16.33 -7.99 -3.35
CA HIS B 24 -15.28 -9.02 -3.44
C HIS B 24 -13.96 -8.38 -3.13
N HIS B 25 -13.24 -8.95 -2.17
CA HIS B 25 -11.99 -8.41 -1.69
C HIS B 25 -10.74 -9.16 -2.17
N CYS B 26 -10.73 -10.50 -2.04
CA CYS B 26 -9.59 -11.36 -2.36
C CYS B 26 -10.03 -12.67 -3.00
N GLY B 27 -9.04 -13.40 -3.50
CA GLY B 27 -9.20 -14.73 -4.05
C GLY B 27 -8.67 -15.75 -3.07
N GLY B 28 -8.91 -17.00 -3.39
CA GLY B 28 -8.47 -18.12 -2.57
C GLY B 28 -8.77 -19.41 -3.30
N PHE B 29 -8.47 -20.53 -2.64
CA PHE B 29 -8.78 -21.82 -3.24
C PHE B 29 -9.30 -22.83 -2.27
N LEU B 30 -10.19 -23.68 -2.75
CA LEU B 30 -10.78 -24.75 -1.93
C LEU B 30 -9.79 -25.91 -1.79
N LEU B 31 -9.21 -26.07 -0.58
CA LEU B 31 -8.25 -27.14 -0.27
C LEU B 31 -8.99 -28.44 0.04
N ARG B 32 -9.99 -28.36 0.95
CA ARG B 32 -10.85 -29.43 1.41
C ARG B 32 -12.22 -28.83 1.63
N ALA B 33 -13.28 -29.65 1.78
CA ALA B 33 -14.67 -29.16 1.93
C ALA B 33 -14.88 -28.08 2.99
N ARG B 34 -14.11 -28.10 4.08
CA ARG B 34 -14.18 -27.06 5.12
C ARG B 34 -12.98 -26.05 5.05
N TRP B 35 -11.96 -26.31 4.19
CA TRP B 35 -10.78 -25.45 4.10
C TRP B 35 -10.53 -24.68 2.83
N VAL B 36 -10.18 -23.38 3.00
CA VAL B 36 -9.81 -22.45 1.94
C VAL B 36 -8.44 -21.79 2.29
N VAL B 37 -7.53 -21.78 1.30
CA VAL B 37 -6.18 -21.18 1.40
C VAL B 37 -6.25 -19.78 0.76
N SER B 38 -5.59 -18.77 1.38
CA SER B 38 -5.58 -17.36 0.93
C SER B 38 -4.34 -16.60 1.40
N ALA B 39 -4.25 -15.30 1.05
CA ALA B 39 -3.17 -14.41 1.44
C ALA B 39 -3.53 -13.82 2.79
N ALA B 40 -2.59 -13.86 3.77
CA ALA B 40 -2.79 -13.32 5.10
C ALA B 40 -3.05 -11.81 5.07
N HIS B 41 -2.55 -11.08 4.06
CA HIS B 41 -2.81 -9.63 3.99
C HIS B 41 -4.26 -9.23 3.72
N CYS B 42 -5.08 -10.14 3.21
CA CYS B 42 -6.49 -9.88 2.90
C CYS B 42 -7.33 -9.62 4.14
N PHE B 43 -6.93 -10.24 5.25
CA PHE B 43 -7.64 -10.22 6.50
C PHE B 43 -7.09 -9.21 7.46
N SER B 44 -5.99 -8.54 7.06
CA SER B 44 -5.37 -7.50 7.86
C SER B 44 -6.36 -6.37 8.08
N HIS B 45 -6.54 -5.94 9.35
CA HIS B 45 -7.46 -4.83 9.72
C HIS B 45 -8.89 -5.03 9.27
N ARG B 46 -9.35 -6.31 9.27
CA ARG B 46 -10.67 -6.74 8.82
C ARG B 46 -11.48 -7.48 9.91
N ASP B 47 -12.83 -7.29 9.90
CA ASP B 47 -13.84 -7.85 10.82
C ASP B 47 -14.42 -9.17 10.25
N LEU B 48 -13.79 -10.35 10.54
CA LEU B 48 -14.22 -11.67 9.99
C LEU B 48 -15.71 -11.87 9.76
N ARG B 49 -16.55 -11.33 10.69
CA ARG B 49 -18.01 -11.36 10.68
C ARG B 49 -18.66 -10.63 9.48
N THR B 50 -17.90 -9.75 8.81
CA THR B 50 -18.41 -9.05 7.63
C THR B 50 -17.98 -9.79 6.36
N GLY B 51 -17.26 -10.91 6.57
CA GLY B 51 -16.72 -11.73 5.50
C GLY B 51 -17.40 -13.05 5.23
N LEU B 52 -17.51 -13.39 3.92
CA LEU B 52 -18.06 -14.63 3.38
C LEU B 52 -17.14 -15.19 2.31
N VAL B 53 -17.00 -16.53 2.25
CA VAL B 53 -16.25 -17.21 1.20
C VAL B 53 -17.30 -17.73 0.19
N VAL B 54 -17.20 -17.29 -1.05
CA VAL B 54 -18.16 -17.67 -2.10
C VAL B 54 -17.52 -18.67 -3.09
N LEU B 55 -18.13 -19.85 -3.20
CA LEU B 55 -17.67 -20.91 -4.08
C LEU B 55 -18.73 -21.19 -5.14
N GLY B 56 -18.35 -21.87 -6.22
CA GLY B 56 -19.23 -22.23 -7.32
C GLY B 56 -19.73 -21.07 -8.16
N ALA B 57 -19.06 -19.92 -8.08
CA ALA B 57 -19.43 -18.69 -8.80
C ALA B 57 -18.64 -18.42 -10.07
N HIS B 58 -19.21 -17.58 -10.94
CA HIS B 58 -18.57 -17.07 -12.14
C HIS B 58 -18.83 -15.56 -12.18
N VAL B 59 -20.11 -15.15 -12.34
CA VAL B 59 -20.52 -13.75 -12.35
C VAL B 59 -20.95 -13.50 -10.91
N LEU B 60 -20.14 -12.71 -10.17
CA LEU B 60 -20.36 -12.42 -8.76
C LEU B 60 -21.55 -11.49 -8.42
N SER B 61 -21.92 -10.59 -9.36
CA SER B 61 -23.05 -9.68 -9.19
C SER B 61 -24.39 -10.49 -9.15
N THR B 62 -24.59 -11.37 -10.15
CA THR B 62 -25.76 -12.22 -10.13
C THR B 62 -25.55 -13.38 -9.11
N ALA B 63 -26.66 -14.02 -8.66
CA ALA B 63 -26.60 -15.16 -7.75
C ALA B 63 -26.98 -16.43 -8.52
N GLU B 64 -25.96 -17.24 -8.81
CA GLU B 64 -26.08 -18.49 -9.58
C GLU B 64 -26.48 -19.71 -8.71
N PRO B 65 -27.27 -20.68 -9.25
CA PRO B 65 -27.63 -21.88 -8.44
C PRO B 65 -26.41 -22.71 -8.00
N THR B 66 -25.34 -22.65 -8.83
CA THR B 66 -24.05 -23.30 -8.60
C THR B 66 -23.34 -22.75 -7.36
N GLN B 67 -23.66 -21.49 -6.97
CA GLN B 67 -23.05 -20.82 -5.82
C GLN B 67 -23.27 -21.51 -4.47
N GLN B 68 -22.33 -21.29 -3.57
CA GLN B 68 -22.29 -21.79 -2.20
C GLN B 68 -21.53 -20.73 -1.42
N VAL B 69 -22.18 -20.14 -0.42
CA VAL B 69 -21.61 -19.08 0.39
C VAL B 69 -21.43 -19.62 1.82
N PHE B 70 -20.25 -19.41 2.42
CA PHE B 70 -19.96 -19.86 3.79
C PHE B 70 -19.36 -18.72 4.61
N GLY B 71 -19.36 -18.88 5.92
CA GLY B 71 -18.72 -17.92 6.80
C GLY B 71 -17.36 -18.44 7.23
N ILE B 72 -16.51 -17.57 7.80
CA ILE B 72 -15.22 -18.00 8.32
C ILE B 72 -15.44 -18.34 9.80
N ASP B 73 -15.35 -19.63 10.14
CA ASP B 73 -15.49 -20.10 11.52
C ASP B 73 -14.23 -19.67 12.28
N ALA B 74 -13.07 -19.86 11.66
CA ALA B 74 -11.76 -19.51 12.20
C ALA B 74 -10.72 -19.22 11.09
N LEU B 75 -9.91 -18.20 11.33
CA LEU B 75 -8.86 -17.80 10.39
C LEU B 75 -7.50 -18.02 11.06
N THR B 76 -6.65 -18.82 10.40
CA THR B 76 -5.31 -19.10 10.89
C THR B 76 -4.38 -18.45 9.93
N THR B 77 -3.80 -17.34 10.35
CA THR B 77 -2.81 -16.63 9.56
C THR B 77 -1.46 -17.27 9.87
N HIS B 78 -0.51 -17.25 8.91
CA HIS B 78 0.81 -17.79 9.14
C HIS B 78 1.40 -17.01 10.32
N PRO B 79 1.88 -17.73 11.37
CA PRO B 79 2.42 -17.04 12.54
C PRO B 79 3.47 -16.01 12.19
N ASP B 80 4.35 -16.34 11.20
CA ASP B 80 5.45 -15.50 10.73
C ASP B 80 5.15 -14.53 9.56
N TYR B 81 3.85 -14.28 9.26
CA TYR B 81 3.50 -13.32 8.23
C TYR B 81 4.07 -11.99 8.67
N HIS B 82 5.06 -11.51 7.93
CA HIS B 82 5.74 -10.27 8.26
C HIS B 82 5.12 -9.12 7.52
N PRO B 83 4.48 -8.15 8.21
CA PRO B 83 4.02 -6.94 7.51
C PRO B 83 5.23 -5.99 7.34
N MET B 84 5.38 -5.34 6.16
CA MET B 84 6.50 -4.47 5.74
C MET B 84 7.52 -5.20 4.85
N THR B 85 7.88 -6.46 5.20
CA THR B 85 8.58 -7.38 4.29
C THR B 85 7.35 -8.17 3.84
N HIS B 86 7.38 -9.01 2.81
CA HIS B 86 6.05 -9.62 2.58
C HIS B 86 6.00 -11.15 2.68
N ALA B 87 6.88 -11.65 3.58
CA ALA B 87 7.13 -13.04 3.89
C ALA B 87 5.93 -13.69 4.52
N ASN B 88 5.75 -14.98 4.19
CA ASN B 88 4.74 -15.88 4.76
C ASN B 88 3.32 -15.34 4.64
N ASP B 89 2.98 -14.78 3.48
CA ASP B 89 1.69 -14.19 3.18
C ASP B 89 0.70 -15.27 2.82
N ILE B 90 0.40 -16.10 3.80
CA ILE B 90 -0.49 -17.25 3.66
C ILE B 90 -1.33 -17.40 4.92
N CYS B 91 -2.57 -17.83 4.73
CA CYS B 91 -3.48 -18.09 5.82
C CYS B 91 -4.48 -19.17 5.41
N LEU B 92 -5.06 -19.81 6.42
CA LEU B 92 -6.07 -20.84 6.24
C LEU B 92 -7.40 -20.36 6.81
N LEU B 93 -8.49 -20.75 6.14
CA LEU B 93 -9.83 -20.36 6.55
C LEU B 93 -10.65 -21.60 6.73
N ARG B 94 -11.17 -21.82 7.96
CA ARG B 94 -12.05 -22.93 8.27
C ARG B 94 -13.47 -22.37 8.06
N LEU B 95 -14.26 -22.97 7.14
CA LEU B 95 -15.61 -22.49 6.84
C LEU B 95 -16.65 -22.90 7.89
N ASN B 96 -17.83 -22.22 7.83
CA ASN B 96 -19.06 -22.40 8.64
C ASN B 96 -19.80 -23.71 8.34
N GLY B 97 -19.21 -24.54 7.49
CA GLY B 97 -19.76 -25.82 7.05
C GLY B 97 -18.93 -26.39 5.93
N SER B 98 -19.19 -27.67 5.59
CA SER B 98 -18.47 -28.33 4.50
C SER B 98 -19.13 -27.95 3.17
N ALA B 99 -18.30 -27.75 2.12
CA ALA B 99 -18.80 -27.45 0.78
C ALA B 99 -19.25 -28.74 0.08
N VAL B 100 -20.40 -28.68 -0.62
CA VAL B 100 -20.90 -29.85 -1.35
C VAL B 100 -20.10 -29.92 -2.65
N LEU B 101 -19.37 -31.02 -2.86
CA LEU B 101 -18.50 -31.12 -4.04
C LEU B 101 -19.15 -31.57 -5.36
N GLY B 102 -19.37 -30.60 -6.25
CA GLY B 102 -20.01 -30.76 -7.55
C GLY B 102 -19.18 -30.25 -8.72
N PRO B 103 -19.70 -30.27 -9.98
CA PRO B 103 -18.89 -29.80 -11.12
C PRO B 103 -18.53 -28.30 -11.16
N ALA B 104 -19.01 -27.49 -10.18
CA ALA B 104 -18.71 -26.06 -10.05
C ALA B 104 -17.97 -25.71 -8.72
N VAL B 105 -18.01 -26.61 -7.72
CA VAL B 105 -17.35 -26.46 -6.43
C VAL B 105 -16.41 -27.65 -6.29
N GLY B 106 -15.10 -27.41 -6.42
CA GLY B 106 -14.12 -28.48 -6.38
C GLY B 106 -12.85 -28.15 -5.63
N LEU B 107 -11.96 -29.17 -5.48
CA LEU B 107 -10.68 -29.05 -4.80
C LEU B 107 -9.51 -28.80 -5.73
N LEU B 108 -8.50 -28.11 -5.19
CA LEU B 108 -7.22 -27.87 -5.84
C LEU B 108 -6.18 -28.53 -4.95
N ARG B 109 -5.24 -29.25 -5.59
CA ARG B 109 -4.15 -30.00 -4.94
C ARG B 109 -2.90 -29.20 -4.73
N LEU B 110 -2.29 -29.38 -3.56
CA LEU B 110 -1.02 -28.75 -3.21
C LEU B 110 0.09 -29.60 -3.84
N PRO B 111 1.32 -29.05 -4.03
CA PRO B 111 2.43 -29.91 -4.46
C PRO B 111 2.85 -30.76 -3.25
N GLY B 112 3.85 -31.65 -3.46
CA GLY B 112 4.45 -32.43 -2.38
C GLY B 112 5.15 -31.53 -1.38
N ARG B 113 5.39 -32.00 -0.16
CA ARG B 113 6.04 -31.22 0.90
C ARG B 113 7.45 -30.78 0.48
N ARG B 114 8.29 -31.74 0.06
CA ARG B 114 9.65 -31.40 -0.36
C ARG B 114 9.78 -31.11 -1.87
N ALA B 115 8.63 -30.72 -2.52
CA ALA B 115 8.57 -30.37 -3.95
C ALA B 115 9.33 -29.09 -4.07
N ARG B 116 10.13 -28.99 -5.14
CA ARG B 116 10.93 -27.80 -5.41
C ARG B 116 10.07 -26.87 -6.29
N PRO B 117 10.23 -25.53 -6.22
CA PRO B 117 9.37 -24.65 -7.02
C PRO B 117 9.53 -24.84 -8.52
N PRO B 118 8.50 -24.57 -9.35
CA PRO B 118 8.64 -24.77 -10.80
C PRO B 118 9.81 -23.99 -11.40
N THR B 119 10.43 -24.60 -12.42
CA THR B 119 11.60 -24.01 -13.10
C THR B 119 11.22 -22.78 -13.92
N ALA B 120 12.21 -21.89 -14.12
CA ALA B 120 12.03 -20.66 -14.89
C ALA B 120 11.64 -21.07 -16.32
N GLY B 121 10.47 -20.63 -16.76
CA GLY B 121 9.93 -20.94 -18.08
C GLY B 121 8.59 -21.65 -18.08
N THR B 122 8.29 -22.42 -16.99
CA THR B 122 7.06 -23.18 -16.77
C THR B 122 5.78 -22.37 -17.05
N ARG B 123 4.92 -22.90 -17.94
CA ARG B 123 3.64 -22.25 -18.18
C ARG B 123 2.71 -22.54 -16.99
N CYS B 124 2.16 -21.46 -16.44
CA CYS B 124 1.27 -21.48 -15.28
C CYS B 124 0.05 -20.62 -15.55
N ARG B 125 -0.99 -20.77 -14.72
CA ARG B 125 -2.21 -19.98 -14.89
C ARG B 125 -2.70 -19.32 -13.60
N VAL B 126 -3.04 -18.03 -13.67
CA VAL B 126 -3.56 -17.27 -12.54
C VAL B 126 -5.00 -16.73 -12.78
N ALA B 127 -5.98 -17.17 -11.95
CA ALA B 127 -7.37 -16.76 -12.05
C ALA B 127 -7.78 -15.74 -10.98
N GLY B 128 -8.91 -15.06 -11.19
CA GLY B 128 -9.38 -14.08 -10.23
C GLY B 128 -10.47 -13.18 -10.72
N TRP B 129 -11.15 -12.53 -9.75
CA TRP B 129 -12.23 -11.56 -9.98
C TRP B 129 -11.76 -10.11 -9.72
N GLY B 130 -10.45 -9.89 -9.58
CA GLY B 130 -9.87 -8.57 -9.35
C GLY B 130 -9.87 -7.70 -10.59
N PHE B 131 -9.25 -6.50 -10.50
CA PHE B 131 -9.24 -5.54 -11.61
C PHE B 131 -8.63 -6.10 -12.88
N VAL B 132 -9.10 -5.63 -14.06
CA VAL B 132 -8.65 -6.06 -15.38
C VAL B 132 -7.73 -5.05 -16.10
N SER B 133 -7.46 -3.92 -15.42
CA SER B 133 -6.64 -2.83 -15.94
C SER B 133 -6.23 -1.91 -14.79
N ASP B 134 -5.39 -0.91 -15.11
CA ASP B 134 -4.92 0.09 -14.16
C ASP B 134 -5.95 1.23 -14.00
N PHE B 135 -7.17 1.03 -14.49
CA PHE B 135 -8.25 2.02 -14.45
C PHE B 135 -9.44 1.58 -13.60
N GLU B 136 -9.15 0.73 -12.57
CA GLU B 136 -10.09 0.21 -11.58
C GLU B 136 -11.26 -0.54 -12.24
N GLU B 137 -11.06 -1.05 -13.46
CA GLU B 137 -12.09 -1.75 -14.21
C GLU B 137 -12.30 -3.19 -13.69
N LEU B 138 -13.57 -3.54 -13.44
CA LEU B 138 -14.02 -4.84 -12.94
C LEU B 138 -14.23 -5.85 -14.07
N PRO B 139 -13.99 -7.13 -13.79
CA PRO B 139 -14.16 -8.15 -14.84
C PRO B 139 -15.61 -8.56 -15.06
N PRO B 140 -15.95 -9.17 -16.23
CA PRO B 140 -17.35 -9.62 -16.43
C PRO B 140 -17.66 -10.95 -15.70
N GLY B 141 -16.63 -11.56 -15.14
CA GLY B 141 -16.67 -12.81 -14.39
C GLY B 141 -15.26 -13.31 -14.12
N LEU B 142 -15.10 -14.58 -13.64
CA LEU B 142 -13.77 -15.14 -13.35
C LEU B 142 -12.89 -15.08 -14.60
N MET B 143 -11.73 -14.45 -14.44
CA MET B 143 -10.75 -14.27 -15.51
C MET B 143 -9.51 -15.06 -15.18
N GLU B 144 -8.75 -15.45 -16.22
CA GLU B 144 -7.49 -16.17 -16.05
C GLU B 144 -6.49 -15.66 -17.04
N ALA B 145 -5.20 -15.69 -16.67
CA ALA B 145 -4.09 -15.29 -17.50
C ALA B 145 -3.08 -16.41 -17.55
N LYS B 146 -2.44 -16.59 -18.71
CA LYS B 146 -1.38 -17.59 -18.92
C LYS B 146 -0.05 -16.86 -18.68
N VAL B 147 0.69 -17.28 -17.64
CA VAL B 147 2.00 -16.71 -17.27
C VAL B 147 3.14 -17.75 -17.34
N ARG B 148 4.37 -17.29 -17.14
CA ARG B 148 5.57 -18.14 -17.20
C ARG B 148 6.42 -17.84 -16.00
N VAL B 149 6.94 -18.88 -15.31
CA VAL B 149 7.81 -18.71 -14.14
C VAL B 149 9.11 -17.99 -14.54
N LEU B 150 9.45 -16.92 -13.78
CA LEU B 150 10.63 -16.08 -14.01
C LEU B 150 11.77 -16.42 -13.02
N ASP B 151 13.03 -16.47 -13.52
CA ASP B 151 14.22 -16.74 -12.72
C ASP B 151 14.26 -15.87 -11.44
N PRO B 152 14.44 -16.49 -10.24
CA PRO B 152 14.39 -15.69 -9.01
C PRO B 152 15.52 -14.68 -8.87
N ASP B 153 16.73 -15.00 -9.35
CA ASP B 153 17.87 -14.07 -9.30
C ASP B 153 17.54 -12.82 -10.13
N VAL B 154 16.84 -13.01 -11.28
CA VAL B 154 16.37 -11.96 -12.18
C VAL B 154 15.29 -11.16 -11.44
N CYS B 155 14.29 -11.86 -10.85
CA CYS B 155 13.18 -11.26 -10.11
C CYS B 155 13.64 -10.45 -8.91
N ASN B 156 14.69 -10.97 -8.20
CA ASN B 156 15.27 -10.36 -7.02
C ASN B 156 15.95 -9.05 -7.38
N SER B 157 16.60 -8.98 -8.56
CA SER B 157 17.28 -7.75 -9.00
C SER B 157 16.24 -6.65 -9.25
N SER B 158 15.18 -6.97 -10.02
CA SER B 158 14.05 -6.08 -10.33
C SER B 158 13.45 -5.54 -9.04
N TRP B 159 13.39 -6.39 -8.02
CA TRP B 159 12.85 -6.08 -6.71
C TRP B 159 13.88 -5.58 -5.70
N LYS B 160 15.06 -5.12 -6.19
CA LYS B 160 16.15 -4.59 -5.36
C LYS B 160 16.51 -5.43 -4.10
N GLY B 161 16.45 -6.75 -4.27
CA GLY B 161 16.79 -7.73 -3.25
C GLY B 161 15.82 -7.85 -2.10
N HIS B 162 14.55 -7.51 -2.32
CA HIS B 162 13.53 -7.57 -1.27
C HIS B 162 12.78 -8.93 -1.25
N LEU B 163 13.20 -9.84 -2.13
CA LEU B 163 12.59 -11.15 -2.23
C LEU B 163 13.22 -12.14 -1.30
N THR B 164 12.38 -12.97 -0.65
CA THR B 164 12.85 -14.01 0.27
C THR B 164 12.80 -15.35 -0.47
N LEU B 165 13.48 -16.37 0.08
CA LEU B 165 13.52 -17.72 -0.47
C LEU B 165 12.10 -18.37 -0.65
N THR B 166 11.08 -17.87 0.08
CA THR B 166 9.72 -18.41 0.04
C THR B 166 8.77 -17.72 -0.93
N MET B 167 9.33 -16.95 -1.87
CA MET B 167 8.56 -16.21 -2.88
C MET B 167 8.96 -16.73 -4.25
N LEU B 168 8.09 -16.56 -5.26
CA LEU B 168 8.33 -16.99 -6.64
C LEU B 168 7.64 -16.04 -7.63
N CYS B 169 8.25 -15.84 -8.81
CA CYS B 169 7.77 -14.87 -9.78
C CYS B 169 7.35 -15.40 -11.10
N THR B 170 6.53 -14.60 -11.78
CA THR B 170 6.05 -14.87 -13.12
C THR B 170 6.37 -13.71 -14.06
N ARG B 171 6.19 -13.95 -15.35
CA ARG B 171 6.41 -13.01 -16.45
C ARG B 171 5.46 -13.41 -17.56
N SER B 172 5.06 -12.47 -18.42
CA SER B 172 4.19 -12.80 -19.55
C SER B 172 5.01 -13.60 -20.55
N GLY B 173 4.36 -14.54 -21.22
CA GLY B 173 4.99 -15.36 -22.25
C GLY B 173 5.41 -14.57 -23.47
N ASP B 174 4.92 -13.32 -23.58
CA ASP B 174 5.14 -12.35 -24.67
C ASP B 174 5.25 -10.87 -24.17
N SER B 175 5.24 -9.93 -25.13
CA SER B 175 5.36 -8.46 -25.00
C SER B 175 4.23 -7.75 -24.22
N HIS B 176 3.06 -8.42 -24.06
CA HIS B 176 1.91 -7.82 -23.39
C HIS B 176 1.96 -7.98 -21.88
N ARG B 177 1.25 -7.10 -21.15
CA ARG B 177 1.24 -7.20 -19.70
C ARG B 177 0.22 -8.24 -19.24
N ARG B 178 0.71 -9.35 -18.69
CA ARG B 178 -0.14 -10.44 -18.23
C ARG B 178 0.24 -10.80 -16.81
N GLY B 179 -0.77 -11.04 -15.99
CA GLY B 179 -0.59 -11.37 -14.59
C GLY B 179 -1.77 -10.97 -13.73
N PHE B 180 -1.50 -10.73 -12.44
CA PHE B 180 -2.54 -10.36 -11.48
C PHE B 180 -2.59 -8.86 -11.21
N CYS B 181 -3.73 -8.46 -10.66
CA CYS B 181 -4.08 -7.09 -10.31
C CYS B 181 -4.70 -7.03 -8.89
N SER B 182 -5.10 -5.83 -8.43
CA SER B 182 -5.74 -5.64 -7.11
C SER B 182 -6.96 -6.55 -7.01
N ALA B 183 -7.20 -7.09 -5.78
CA ALA B 183 -8.26 -8.05 -5.41
C ALA B 183 -8.03 -9.48 -5.97
N ASP B 184 -6.81 -9.77 -6.45
CA ASP B 184 -6.45 -11.10 -6.94
C ASP B 184 -5.67 -11.89 -5.91
N SER B 185 -5.27 -11.23 -4.80
CA SER B 185 -4.48 -11.83 -3.72
C SER B 185 -5.12 -13.08 -3.17
N GLY B 186 -4.29 -14.06 -2.82
CA GLY B 186 -4.76 -15.29 -2.21
C GLY B 186 -5.16 -16.35 -3.20
N GLY B 187 -5.45 -15.93 -4.43
CA GLY B 187 -5.79 -16.82 -5.54
C GLY B 187 -4.55 -17.61 -5.90
N PRO B 188 -4.72 -18.84 -6.39
CA PRO B 188 -3.54 -19.68 -6.67
C PRO B 188 -2.90 -19.56 -8.06
N LEU B 189 -1.56 -19.79 -8.09
CA LEU B 189 -0.83 -19.88 -9.33
C LEU B 189 -0.72 -21.36 -9.64
N VAL B 190 -1.63 -21.84 -10.51
CA VAL B 190 -1.66 -23.25 -10.92
C VAL B 190 -0.57 -23.57 -11.97
N CYS B 191 0.37 -24.47 -11.61
CA CYS B 191 1.44 -24.99 -12.44
C CYS B 191 1.29 -26.49 -12.40
N ARG B 192 1.12 -27.09 -13.59
CA ARG B 192 0.94 -28.53 -13.82
C ARG B 192 -0.06 -29.19 -12.86
N ASN B 193 -1.26 -28.57 -12.82
CA ASN B 193 -2.43 -28.96 -12.04
C ASN B 193 -2.26 -28.98 -10.52
N ARG B 194 -1.31 -28.17 -10.01
CA ARG B 194 -1.03 -28.04 -8.57
C ARG B 194 -0.89 -26.56 -8.21
N ALA B 195 -1.34 -26.18 -7.00
CA ALA B 195 -1.18 -24.82 -6.48
C ALA B 195 0.31 -24.61 -6.14
N HIS B 196 1.08 -24.03 -7.08
CA HIS B 196 2.51 -23.78 -6.83
C HIS B 196 2.84 -22.44 -6.14
N GLY B 197 1.98 -21.46 -6.38
CA GLY B 197 2.09 -20.13 -5.81
C GLY B 197 0.74 -19.59 -5.36
N LEU B 198 0.79 -18.45 -4.68
CA LEU B 198 -0.37 -17.76 -4.14
C LEU B 198 -0.11 -16.27 -4.29
N VAL B 199 -0.96 -15.57 -5.08
CA VAL B 199 -0.89 -14.12 -5.36
C VAL B 199 -0.64 -13.29 -4.10
N SER B 200 0.59 -12.72 -3.97
CA SER B 200 0.97 -11.87 -2.82
C SER B 200 1.03 -10.36 -3.14
N PHE B 201 2.07 -9.93 -3.86
CA PHE B 201 2.27 -8.53 -4.21
C PHE B 201 2.86 -8.43 -5.60
N SER B 202 2.85 -7.20 -6.16
CA SER B 202 3.32 -6.78 -7.48
C SER B 202 3.72 -5.29 -7.36
N GLY B 203 4.18 -4.66 -8.44
CA GLY B 203 4.53 -3.25 -8.40
C GLY B 203 3.36 -2.28 -8.43
N LEU B 204 3.57 -1.07 -9.01
CA LEU B 204 2.52 -0.06 -9.07
C LEU B 204 1.42 -0.43 -10.05
N TRP B 205 1.79 -0.53 -11.33
CA TRP B 205 0.88 -0.90 -12.42
C TRP B 205 0.90 -2.40 -12.58
N CYS B 206 -0.27 -2.97 -12.91
CA CYS B 206 -0.52 -4.40 -13.07
C CYS B 206 0.23 -5.06 -14.24
N GLY B 207 0.98 -6.11 -13.90
CA GLY B 207 1.75 -6.97 -14.81
C GLY B 207 2.97 -6.40 -15.49
N ASP B 208 3.32 -5.18 -15.10
CA ASP B 208 4.43 -4.40 -15.58
C ASP B 208 5.79 -5.12 -15.34
N PRO B 209 6.48 -5.44 -16.47
CA PRO B 209 7.74 -6.20 -16.39
C PRO B 209 8.82 -5.72 -15.42
N LYS B 210 8.89 -4.40 -15.18
CA LYS B 210 9.84 -3.73 -14.30
C LYS B 210 9.64 -4.18 -12.85
N THR B 211 8.41 -4.59 -12.52
CA THR B 211 8.03 -5.06 -11.19
C THR B 211 7.28 -6.41 -11.34
N PRO B 212 8.02 -7.53 -11.56
CA PRO B 212 7.35 -8.81 -11.77
C PRO B 212 6.52 -9.29 -10.61
N ASP B 213 5.40 -9.95 -10.94
CA ASP B 213 4.41 -10.54 -10.04
C ASP B 213 5.07 -11.51 -9.11
N VAL B 214 4.93 -11.25 -7.79
CA VAL B 214 5.45 -12.07 -6.70
C VAL B 214 4.30 -12.87 -6.06
N TYR B 215 4.59 -14.16 -5.81
CA TYR B 215 3.68 -15.16 -5.23
C TYR B 215 4.35 -15.83 -4.02
N THR B 216 3.54 -16.43 -3.16
CA THR B 216 4.04 -17.22 -2.04
C THR B 216 4.38 -18.59 -2.63
N GLN B 217 5.59 -19.11 -2.40
CA GLN B 217 5.98 -20.44 -2.87
C GLN B 217 5.25 -21.45 -1.95
N VAL B 218 4.09 -21.93 -2.42
CA VAL B 218 3.23 -22.85 -1.71
C VAL B 218 3.96 -24.07 -1.14
N SER B 219 4.78 -24.78 -1.96
CA SER B 219 5.55 -25.97 -1.55
C SER B 219 6.26 -25.83 -0.20
N ALA B 220 6.86 -24.64 0.06
CA ALA B 220 7.55 -24.26 1.29
C ALA B 220 6.61 -24.22 2.52
N PHE B 221 5.28 -24.24 2.31
CA PHE B 221 4.23 -24.16 3.35
C PHE B 221 3.36 -25.41 3.52
N VAL B 222 3.43 -26.35 2.57
CA VAL B 222 2.65 -27.60 2.59
C VAL B 222 2.59 -28.24 4.00
N ALA B 223 3.76 -28.47 4.63
CA ALA B 223 3.85 -29.02 5.99
C ALA B 223 3.00 -28.22 7.00
N TRP B 224 3.14 -26.87 7.01
CA TRP B 224 2.40 -25.99 7.91
C TRP B 224 0.90 -26.13 7.68
N ILE B 225 0.45 -26.09 6.39
CA ILE B 225 -0.95 -26.17 6.00
C ILE B 225 -1.61 -27.37 6.63
N TRP B 226 -1.02 -28.56 6.41
CA TRP B 226 -1.51 -29.82 6.96
C TRP B 226 -1.55 -29.86 8.47
N ASP B 227 -0.49 -29.36 9.17
CA ASP B 227 -0.45 -29.32 10.64
C ASP B 227 -1.69 -28.61 11.19
N VAL B 228 -2.02 -27.42 10.61
CA VAL B 228 -3.16 -26.58 10.96
C VAL B 228 -4.48 -27.34 10.70
N VAL B 229 -4.59 -28.00 9.53
CA VAL B 229 -5.75 -28.79 9.07
C VAL B 229 -5.99 -29.97 10.05
N ARG B 230 -4.91 -30.61 10.52
CA ARG B 230 -4.85 -31.72 11.49
C ARG B 230 -5.42 -31.31 12.86
N ARG B 231 -4.85 -30.25 13.47
CA ARG B 231 -5.20 -29.66 14.75
C ARG B 231 -6.68 -29.31 14.87
N SER B 232 -7.36 -29.03 13.74
CA SER B 232 -8.78 -28.70 13.74
C SER B 232 -9.65 -29.80 13.08
N SER B 233 -9.29 -31.11 13.29
CA SER B 233 -9.95 -32.32 12.75
C SER B 233 -10.37 -32.24 11.28
C1 NAG C . -0.03 14.31 26.46
C2 NAG C . 0.21 14.26 27.98
C3 NAG C . 1.26 13.21 28.34
C4 NAG C . 0.90 11.88 27.68
C5 NAG C . 0.82 12.04 26.17
C6 NAG C . 0.46 10.75 25.43
C7 NAG C . -0.36 16.32 29.21
C8 NAG C . 0.17 17.62 29.72
N2 NAG C . 0.53 15.54 28.58
O3 NAG C . 1.32 13.05 29.76
O4 NAG C . 1.69 10.75 28.02
O5 NAG C . -0.18 13.02 25.84
O6 NAG C . -0.85 10.25 25.71
O7 NAG C . -1.54 16.00 29.34
C1 NAG C . 2.79 10.76 28.91
C2 NAG C . 2.46 9.64 29.90
C3 NAG C . 3.69 9.05 30.58
C4 NAG C . 4.79 8.77 29.55
C5 NAG C . 5.14 10.06 28.81
C6 NAG C . 6.19 9.90 27.74
C7 NAG C . 0.22 10.02 30.87
C8 NAG C . -0.57 10.89 31.80
N2 NAG C . 1.54 10.20 30.88
O3 NAG C . 3.30 7.85 31.23
O4 NAG C . 5.94 8.22 30.21
O5 NAG C . 3.97 10.57 28.13
O6 NAG C . 6.16 10.98 26.81
O7 NAG C . -0.33 9.17 30.16
C1 NAG D . 17.67 -11.39 -2.72
C2 NAG D . 17.94 -12.72 -1.99
C3 NAG D . 18.39 -12.45 -0.55
C4 NAG D . 19.56 -11.45 -0.49
C5 NAG D . 19.18 -10.18 -1.25
C6 NAG D . 20.27 -9.13 -1.31
C7 NAG D . 16.42 -14.36 -3.02
C8 NAG D . 15.01 -14.84 -3.04
N2 NAG D . 16.76 -13.56 -1.99
O3 NAG D . 18.74 -13.68 0.07
O4 NAG D . 19.70 -11.09 0.89
O5 NAG D . 18.79 -10.50 -2.59
O6 NAG D . 21.21 -9.34 -2.36
O7 NAG D . 17.21 -14.64 -3.92
C1 NAG D . 20.89 -11.17 1.72
C2 NAG D . 22.13 -11.89 1.16
C3 NAG D . 23.03 -12.06 2.38
C4 NAG D . 23.40 -10.71 2.99
C5 NAG D . 22.13 -9.93 3.34
C6 NAG D . 22.39 -8.49 3.76
C7 NAG D . 22.48 -13.59 -0.60
C8 NAG D . 22.05 -14.93 -1.12
N2 NAG D . 21.87 -13.18 0.53
O3 NAG D . 24.22 -12.77 2.03
O4 NAG D . 24.20 -10.88 4.15
O5 NAG D . 21.26 -9.88 2.20
O6 NAG D . 21.16 -7.80 4.04
O7 NAG D . 23.32 -12.91 -1.18
C1 NAG E . -22.08 -19.07 8.58
C2 NAG E . -23.57 -19.30 8.87
C3 NAG E . -24.47 -18.31 8.13
C4 NAG E . -24.00 -16.88 8.35
C5 NAG E . -22.55 -16.74 7.84
C6 NAG E . -21.93 -15.38 8.08
C7 NAG E . -24.06 -21.64 9.54
C8 NAG E . -24.38 -23.00 9.03
N2 NAG E . -23.98 -20.66 8.60
O3 NAG E . -25.83 -18.48 8.56
O4 NAG E . -24.86 -15.99 7.62
O5 NAG E . -21.68 -17.69 8.48
O6 NAG E . -21.76 -15.00 9.45
O7 NAG E . -23.83 -21.41 10.73
C1 NAG E . -25.53 -14.90 8.23
C2 NAG E . -26.57 -14.33 7.27
C3 NAG E . -27.19 -13.10 7.94
C4 NAG E . -27.78 -13.47 9.31
C5 NAG E . -26.76 -14.19 10.18
C6 NAG E . -27.36 -14.79 11.43
C7 NAG E . -26.11 -14.72 4.86
C8 NAG E . -25.36 -14.22 3.66
N2 NAG E . -26.00 -13.96 5.98
O3 NAG E . -28.22 -12.58 7.12
O4 NAG E . -28.22 -12.27 9.96
O5 NAG E . -26.17 -15.29 9.45
O6 NAG E . -26.49 -15.76 12.00
O7 NAG E . -26.74 -15.77 4.84
C1 NAG F . -6.03 13.42 -15.15
C2 NAG F . -6.98 14.59 -14.85
C3 NAG F . -8.41 14.07 -14.71
C4 NAG F . -8.81 13.24 -15.94
C5 NAG F . -7.81 12.11 -16.14
C6 NAG F . -8.07 11.26 -17.38
C7 NAG F . -5.63 16.24 -13.62
C8 NAG F . -5.08 16.57 -12.26
N2 NAG F . -6.57 15.28 -13.64
O3 NAG F . -9.30 15.15 -14.49
O4 NAG F . -10.13 12.73 -15.79
O5 NAG F . -6.48 12.65 -16.27
O6 NAG F . -7.60 11.85 -18.58
O7 NAG F . -5.20 16.77 -14.64
N24 2YS G . 1.25 4.16 -4.26
C20 2YS G . 2.54 4.25 -3.53
C21 2YS G . 3.30 2.93 -3.26
C22 2YS G . 2.43 1.91 -2.51
C23 2YS G . 4.61 3.15 -2.45
C19 2YS G . 2.49 5.17 -2.34
O25 2YS G . 3.42 5.94 -2.20
N18 2YS G . 1.46 5.12 -1.46
C5 2YS G . 1.27 5.99 -0.28
C6 2YS G . 2.48 6.10 0.66
O17 2YS G . 2.97 5.11 1.17
C4 2YS G . 0.07 5.39 0.46
C2 2YS G . -1.13 6.31 0.75
C3 2YS G . -2.35 5.42 0.63
C1 2YS G . -1.36 7.49 -0.21
C14 2YS G . 3.83 8.04 3.27
C11 2YS G . 6.82 6.88 -0.25
C8 2YS G . 4.20 7.49 1.86
C9 2YS G . 5.36 8.32 1.27
C10 2YS G . 5.69 7.91 -0.18
C12 2YS G . 6.76 6.22 -1.63
N7 2YS G . 3.02 7.31 0.95
N13 2YS G . 8.07 5.69 -2.05
O16 2YS G . 4.79 7.53 4.21
C15 2YS G . 2.42 7.63 3.70
N24 2YS H . 3.78 -3.56 -2.90
C20 2YS H . 2.58 -3.54 -3.77
C21 2YS H . 1.94 -2.14 -4.01
C22 2YS H . 2.98 -1.08 -4.45
C23 2YS H . 0.77 -2.09 -5.02
C19 2YS H . 1.60 -4.66 -3.43
O25 2YS H . 1.18 -5.34 -4.34
N18 2YS H . 1.22 -4.89 -2.14
C5 2YS H . 0.30 -5.96 -1.67
C6 2YS H . -1.08 -5.99 -2.31
O17 2YS H . -1.78 -5.00 -2.26
C4 2YS H . 0.11 -5.72 -0.16
C2 2YS H . 0.64 -6.78 0.82
C3 2YS H . 1.06 -6.03 2.09
C1 2YS H . 1.70 -7.79 0.31
C14 2YS H . -3.78 -8.28 -2.83
C11 2YS H . -2.02 -6.04 -6.75
C8 2YS H . -2.81 -7.33 -3.57
C9 2YS H . -2.62 -7.82 -5.01
C10 2YS H . -1.50 -7.02 -5.71
C12 2YS H . -1.05 -4.87 -6.82
N7 2YS H . -1.52 -7.13 -2.90
N13 2YS H . -0.37 -4.81 -8.12
O16 2YS H . -5.11 -8.12 -3.36
C15 2YS H . -3.78 -8.08 -1.30
#